data_7N5V
#
_entry.id   7N5V
#
_cell.length_a   51.292
_cell.length_b   60.067
_cell.length_c   133.729
_cell.angle_alpha   90.000
_cell.angle_beta   98.502
_cell.angle_gamma   90.000
#
_symmetry.space_group_name_H-M   'P 1 21 1'
#
loop_
_entity.id
_entity.type
_entity.pdbx_description
1 polymer 'Zinc finger and BTB domain-containing protein 7A'
2 polymer 'DNA Strand I'
3 polymer 'DNA Strand II'
4 non-polymer 'ZINC ION'
5 water water
#
loop_
_entity_poly.entity_id
_entity_poly.type
_entity_poly.pdbx_seq_one_letter_code
_entity_poly.pdbx_strand_id
1 'polypeptide(L)'
;GPLGSQKVEKKIRAKAFQKCPICEKVIQGAGKLPRHIRTHTGEKPYECNICKVRFTRQDKLKVHMRKHTGEKPYLCQQCG
AAFAHNYDLKNHMRVHTGLRPYQCDSCCKTFVRSDHLHRHLKKDGCNGVPSRRGRKLERPHRD
;
A,B,F
2 'polydeoxyribonucleotide' (DA)(DA)(DA)(DC)(DA)(DT)(DC)(DA)(DA)(DG)(DG)(DG)(DT)(DC)(DC)(DC) X,H,D
3 'polydeoxyribonucleotide' (DG)(DG)(DG)(DA)(DC)(DC)(DC)(DT)(DT)(DG)(DA)(DT)(DG)(DT)(DT)(DT) Y,I,E
#
loop_
_chem_comp.id
_chem_comp.type
_chem_comp.name
_chem_comp.formula
DA DNA linking 2'-DEOXYADENOSINE-5'-MONOPHOSPHATE 'C10 H14 N5 O6 P'
DC DNA linking 2'-DEOXYCYTIDINE-5'-MONOPHOSPHATE 'C9 H14 N3 O7 P'
DG DNA linking 2'-DEOXYGUANOSINE-5'-MONOPHOSPHATE 'C10 H14 N5 O7 P'
DT DNA linking THYMIDINE-5'-MONOPHOSPHATE 'C10 H15 N2 O8 P'
ZN non-polymer 'ZINC ION' 'Zn 2'
#
# COMPACT_ATOMS: atom_id res chain seq x y z
N LYS A 15 -3.08 2.69 -18.83
CA LYS A 15 -2.46 2.06 -17.67
C LYS A 15 -2.16 3.10 -16.59
N ALA A 16 -0.97 3.00 -15.99
CA ALA A 16 -0.55 3.91 -14.95
C ALA A 16 0.89 4.35 -15.23
N PHE A 17 1.24 5.53 -14.73
CA PHE A 17 2.55 6.11 -14.96
C PHE A 17 3.10 6.67 -13.65
N GLN A 18 4.43 6.78 -13.60
CA GLN A 18 5.12 7.28 -12.43
C GLN A 18 6.14 8.34 -12.85
N LYS A 19 6.48 9.21 -11.90
CA LYS A 19 7.50 10.23 -12.10
C LYS A 19 8.72 9.89 -11.27
N CYS A 20 9.90 10.14 -11.84
CA CYS A 20 11.14 9.87 -11.13
C CYS A 20 11.41 10.94 -10.08
N PRO A 21 11.68 10.55 -8.83
CA PRO A 21 12.04 11.55 -7.82
C PRO A 21 13.35 12.27 -8.11
N ILE A 22 14.21 11.69 -8.94
CA ILE A 22 15.55 12.23 -9.20
C ILE A 22 15.63 12.92 -10.55
N CYS A 23 15.12 12.27 -11.60
CA CYS A 23 15.26 12.77 -12.96
C CYS A 23 13.97 13.32 -13.54
N GLU A 24 12.83 13.12 -12.86
CA GLU A 24 11.53 13.62 -13.28
C GLU A 24 11.06 13.02 -14.62
N LYS A 25 11.68 11.94 -15.07
CA LYS A 25 11.25 11.30 -16.29
C LYS A 25 10.04 10.41 -16.01
N VAL A 26 9.06 10.46 -16.91
CA VAL A 26 7.84 9.67 -16.75
C VAL A 26 8.14 8.22 -17.09
N ILE A 27 7.85 7.31 -16.16
CA ILE A 27 8.08 5.89 -16.32
C ILE A 27 6.73 5.18 -16.24
N GLN A 28 6.43 4.36 -17.24
CA GLN A 28 5.19 3.59 -17.26
C GLN A 28 5.46 2.23 -16.62
N GLY A 29 4.99 2.06 -15.39
CA GLY A 29 5.17 0.81 -14.68
C GLY A 29 4.59 0.85 -13.27
N ALA A 30 3.89 -0.22 -12.89
CA ALA A 30 3.32 -0.29 -11.55
C ALA A 30 4.41 -0.48 -10.51
N GLY A 31 5.25 -1.49 -10.68
CA GLY A 31 6.36 -1.72 -9.77
C GLY A 31 7.69 -1.59 -10.47
N LYS A 32 7.70 -0.88 -11.61
CA LYS A 32 8.89 -0.73 -12.43
C LYS A 32 9.71 0.51 -12.08
N LEU A 33 9.25 1.31 -11.11
CA LEU A 33 10.06 2.46 -10.69
C LEU A 33 11.40 2.06 -10.08
N PRO A 34 11.50 1.04 -9.21
CA PRO A 34 12.83 0.69 -8.66
C PRO A 34 13.84 0.34 -9.74
N ARG A 35 13.38 -0.18 -10.88
CA ARG A 35 14.29 -0.47 -12.00
C ARG A 35 14.93 0.81 -12.53
N HIS A 36 14.14 1.87 -12.68
CA HIS A 36 14.70 3.16 -13.08
C HIS A 36 15.54 3.79 -11.98
N ILE A 37 15.19 3.53 -10.71
CA ILE A 37 15.98 4.06 -9.60
C ILE A 37 17.36 3.44 -9.56
N ARG A 38 17.47 2.15 -9.88
CA ARG A 38 18.76 1.47 -9.87
C ARG A 38 19.60 1.80 -11.08
N THR A 39 19.24 2.84 -11.82
CA THR A 39 20.05 3.39 -12.89
C THR A 39 20.96 4.51 -12.38
N HIS A 40 20.47 5.32 -11.44
CA HIS A 40 21.31 6.38 -10.88
C HIS A 40 22.26 5.86 -9.83
N THR A 41 21.75 5.10 -8.86
CA THR A 41 22.59 4.55 -7.80
C THR A 41 23.26 3.24 -8.18
N GLY A 42 22.77 2.57 -9.22
CA GLY A 42 23.40 1.34 -9.67
C GLY A 42 23.42 0.23 -8.66
N GLU A 43 22.35 0.07 -7.89
CA GLU A 43 22.28 -0.99 -6.90
C GLU A 43 21.93 -2.31 -7.57
N LYS A 44 22.62 -3.37 -7.15
CA LYS A 44 22.43 -4.71 -7.72
C LYS A 44 22.03 -5.67 -6.61
N PRO A 45 20.73 -5.84 -6.36
CA PRO A 45 20.30 -6.78 -5.31
C PRO A 45 20.22 -8.23 -5.76
N TYR A 46 20.18 -8.48 -7.07
CA TYR A 46 20.08 -9.84 -7.59
C TYR A 46 21.47 -10.36 -7.91
N GLU A 47 21.75 -11.59 -7.47
CA GLU A 47 23.06 -12.19 -7.63
C GLU A 47 22.92 -13.58 -8.25
N CYS A 48 23.83 -13.89 -9.17
CA CYS A 48 23.88 -15.23 -9.75
C CYS A 48 24.41 -16.23 -8.74
N ASN A 49 23.86 -17.45 -8.77
CA ASN A 49 24.30 -18.47 -7.82
C ASN A 49 25.66 -19.05 -8.16
N ILE A 50 26.00 -19.13 -9.45
CA ILE A 50 27.23 -19.80 -9.88
C ILE A 50 28.37 -18.82 -10.07
N CYS A 51 28.20 -17.85 -10.99
CA CYS A 51 29.27 -16.94 -11.34
C CYS A 51 29.27 -15.66 -10.51
N LYS A 52 28.29 -15.49 -9.62
CA LYS A 52 28.20 -14.34 -8.73
C LYS A 52 28.08 -13.01 -9.48
N VAL A 53 27.61 -13.05 -10.72
CA VAL A 53 27.36 -11.82 -11.48
C VAL A 53 26.06 -11.19 -10.98
N ARG A 54 26.10 -9.88 -10.74
CA ARG A 54 24.97 -9.16 -10.16
C ARG A 54 24.32 -8.27 -11.21
N PHE A 55 22.99 -8.15 -11.10
CA PHE A 55 22.19 -7.34 -12.02
C PHE A 55 21.18 -6.54 -11.23
N THR A 56 20.71 -5.45 -11.85
CA THR A 56 19.72 -4.58 -11.23
C THR A 56 18.28 -4.97 -11.57
N ARG A 57 18.08 -5.96 -12.43
CA ARG A 57 16.75 -6.39 -12.85
C ARG A 57 16.64 -7.89 -12.80
N GLN A 58 15.45 -8.38 -12.43
CA GLN A 58 15.24 -9.82 -12.29
C GLN A 58 15.36 -10.54 -13.64
N ASP A 59 14.79 -9.94 -14.70
CA ASP A 59 14.85 -10.56 -16.02
C ASP A 59 16.28 -10.64 -16.53
N LYS A 60 17.11 -9.64 -16.20
CA LYS A 60 18.51 -9.67 -16.61
C LYS A 60 19.25 -10.83 -15.93
N LEU A 61 18.93 -11.11 -14.67
CA LEU A 61 19.49 -12.27 -14.00
C LEU A 61 19.02 -13.57 -14.67
N LYS A 62 17.77 -13.61 -15.11
CA LYS A 62 17.23 -14.81 -15.75
C LYS A 62 17.95 -15.11 -17.06
N VAL A 63 18.23 -14.08 -17.86
CA VAL A 63 18.91 -14.31 -19.14
C VAL A 63 20.35 -14.74 -18.91
N HIS A 64 20.98 -14.30 -17.82
CA HIS A 64 22.32 -14.78 -17.49
C HIS A 64 22.29 -16.26 -17.10
N MET A 65 21.27 -16.68 -16.37
CA MET A 65 21.11 -18.10 -16.04
C MET A 65 20.89 -18.94 -17.29
N ARG A 66 20.30 -18.36 -18.33
CA ARG A 66 20.07 -19.09 -19.57
C ARG A 66 21.39 -19.50 -20.22
N LYS A 67 22.47 -18.74 -19.99
CA LYS A 67 23.77 -19.09 -20.52
C LYS A 67 24.28 -20.40 -19.92
N HIS A 68 24.06 -20.60 -18.62
CA HIS A 68 24.56 -21.80 -17.96
C HIS A 68 23.90 -23.07 -18.49
N THR A 69 22.57 -23.04 -18.64
CA THR A 69 21.82 -24.20 -19.09
C THR A 69 21.33 -23.96 -20.52
N GLY A 70 21.93 -24.67 -21.47
CA GLY A 70 21.56 -24.53 -22.87
C GLY A 70 20.25 -25.21 -23.21
N LYS B 15 -43.12 -19.86 13.66
CA LYS B 15 -44.43 -19.77 13.02
C LYS B 15 -44.69 -20.98 12.14
N ALA B 16 -45.89 -21.55 12.27
CA ALA B 16 -46.24 -22.74 11.48
C ALA B 16 -46.31 -22.42 10.00
N PHE B 17 -46.95 -21.31 9.64
CA PHE B 17 -47.10 -20.90 8.24
C PHE B 17 -46.60 -19.47 8.08
N GLN B 18 -45.66 -19.29 7.16
CA GLN B 18 -45.12 -17.95 6.89
C GLN B 18 -44.70 -17.94 5.41
N LYS B 19 -45.52 -17.32 4.57
CA LYS B 19 -45.27 -17.26 3.14
C LYS B 19 -45.30 -15.81 2.67
N CYS B 20 -44.35 -15.48 1.81
CA CYS B 20 -44.28 -14.13 1.24
C CYS B 20 -45.39 -13.94 0.22
N PRO B 21 -46.18 -12.87 0.32
CA PRO B 21 -47.19 -12.60 -0.72
C PRO B 21 -46.58 -12.31 -2.09
N ILE B 22 -45.32 -11.87 -2.14
CA ILE B 22 -44.69 -11.52 -3.41
C ILE B 22 -43.87 -12.69 -3.94
N CYS B 23 -42.85 -13.11 -3.19
CA CYS B 23 -41.91 -14.12 -3.66
C CYS B 23 -42.33 -15.54 -3.32
N GLU B 24 -43.38 -15.72 -2.51
CA GLU B 24 -43.89 -17.03 -2.12
C GLU B 24 -42.85 -17.87 -1.37
N LYS B 25 -41.83 -17.23 -0.80
CA LYS B 25 -40.82 -17.95 -0.04
C LYS B 25 -41.34 -18.31 1.34
N VAL B 26 -40.90 -19.47 1.83
CA VAL B 26 -41.23 -19.93 3.17
C VAL B 26 -40.17 -19.36 4.12
N ILE B 27 -40.59 -18.43 4.97
CA ILE B 27 -39.67 -17.73 5.88
C ILE B 27 -39.73 -18.41 7.24
N GLN B 28 -38.59 -18.95 7.67
CA GLN B 28 -38.47 -19.49 9.02
C GLN B 28 -38.16 -18.35 9.99
N GLY B 29 -38.03 -18.69 11.27
CA GLY B 29 -37.76 -17.71 12.29
C GLY B 29 -39.03 -17.06 12.83
N ALA B 30 -38.91 -16.52 14.03
CA ALA B 30 -40.06 -16.01 14.78
C ALA B 30 -40.38 -14.59 14.32
N GLY B 31 -41.48 -14.44 13.57
CA GLY B 31 -41.98 -13.14 13.21
C GLY B 31 -41.05 -12.30 12.38
N LYS B 32 -40.23 -12.93 11.54
CA LYS B 32 -39.32 -12.21 10.65
C LYS B 32 -39.91 -12.01 9.26
N LEU B 33 -41.17 -12.38 9.06
CA LEU B 33 -41.84 -12.08 7.80
C LEU B 33 -41.86 -10.59 7.47
N PRO B 34 -42.13 -9.67 8.41
CA PRO B 34 -42.16 -8.25 8.02
C PRO B 34 -40.88 -7.74 7.40
N ARG B 35 -39.72 -8.18 7.89
CA ARG B 35 -38.46 -7.69 7.34
C ARG B 35 -38.19 -8.31 5.97
N HIS B 36 -38.70 -9.51 5.70
CA HIS B 36 -38.63 -10.04 4.35
C HIS B 36 -39.52 -9.25 3.41
N ILE B 37 -40.60 -8.66 3.93
CA ILE B 37 -41.44 -7.80 3.10
C ILE B 37 -40.71 -6.51 2.77
N ARG B 38 -40.01 -5.94 3.75
CA ARG B 38 -39.22 -4.74 3.51
C ARG B 38 -38.04 -4.99 2.57
N THR B 39 -37.71 -6.26 2.30
CA THR B 39 -36.73 -6.57 1.27
C THR B 39 -37.20 -6.07 -0.10
N HIS B 40 -38.47 -6.32 -0.42
CA HIS B 40 -39.03 -6.02 -1.73
C HIS B 40 -39.46 -4.57 -1.89
N THR B 41 -39.19 -3.71 -0.91
CA THR B 41 -39.60 -2.31 -1.02
C THR B 41 -38.81 -1.55 -2.07
N GLY B 42 -37.66 -2.07 -2.50
CA GLY B 42 -36.86 -1.39 -3.49
C GLY B 42 -36.23 -0.10 -3.02
N GLU B 43 -35.99 0.04 -1.72
CA GLU B 43 -35.40 1.25 -1.18
C GLU B 43 -34.77 0.95 0.18
N LYS B 44 -33.89 1.84 0.61
CA LYS B 44 -33.25 1.74 1.91
C LYS B 44 -33.81 2.80 2.84
N PRO B 45 -34.60 2.44 3.85
CA PRO B 45 -35.21 3.46 4.71
C PRO B 45 -34.24 4.05 5.72
N TYR B 46 -33.35 3.24 6.26
CA TYR B 46 -32.43 3.69 7.31
C TYR B 46 -31.27 4.45 6.68
N GLU B 47 -31.00 5.64 7.21
CA GLU B 47 -30.01 6.55 6.66
C GLU B 47 -28.98 6.92 7.72
N CYS B 48 -27.73 7.07 7.30
CA CYS B 48 -26.67 7.45 8.21
C CYS B 48 -26.86 8.88 8.70
N ASN B 49 -26.48 9.12 9.96
CA ASN B 49 -26.63 10.45 10.54
C ASN B 49 -25.77 11.49 9.82
N ILE B 50 -24.53 11.12 9.50
CA ILE B 50 -23.58 12.04 8.88
C ILE B 50 -23.23 11.60 7.45
N CYS B 51 -22.89 10.33 7.27
CA CYS B 51 -22.45 9.86 5.95
C CYS B 51 -23.57 9.86 4.92
N LYS B 52 -24.84 9.91 5.36
CA LYS B 52 -26.02 9.84 4.51
C LYS B 52 -26.08 8.56 3.68
N VAL B 53 -25.21 7.59 3.97
CA VAL B 53 -25.30 6.29 3.32
C VAL B 53 -26.54 5.57 3.84
N ARG B 54 -27.15 4.77 2.98
CA ARG B 54 -28.43 4.14 3.26
C ARG B 54 -28.29 2.63 3.35
N PHE B 55 -29.00 2.03 4.31
CA PHE B 55 -28.96 0.60 4.56
C PHE B 55 -30.39 0.08 4.69
N THR B 56 -30.54 -1.22 4.42
CA THR B 56 -31.87 -1.84 4.45
C THR B 56 -32.33 -2.14 5.87
N ARG B 57 -31.43 -2.62 6.73
CA ARG B 57 -31.80 -3.12 8.05
C ARG B 57 -31.15 -2.27 9.14
N GLN B 58 -31.79 -2.23 10.31
CA GLN B 58 -31.32 -1.38 11.40
C GLN B 58 -29.97 -1.84 11.93
N ASP B 59 -29.80 -3.16 12.11
CA ASP B 59 -28.53 -3.66 12.61
C ASP B 59 -27.39 -3.33 11.65
N LYS B 60 -27.68 -3.29 10.34
CA LYS B 60 -26.68 -2.83 9.39
C LYS B 60 -26.32 -1.37 9.63
N LEU B 61 -27.33 -0.54 9.92
CA LEU B 61 -27.05 0.87 10.21
C LEU B 61 -26.23 1.02 11.47
N LYS B 62 -26.50 0.20 12.48
CA LYS B 62 -25.72 0.27 13.72
C LYS B 62 -24.25 -0.08 13.46
N VAL B 63 -24.00 -1.05 12.59
CA VAL B 63 -22.62 -1.43 12.28
C VAL B 63 -21.90 -0.29 11.56
N HIS B 64 -22.58 0.39 10.63
CA HIS B 64 -21.97 1.51 9.94
C HIS B 64 -21.62 2.63 10.91
N MET B 65 -22.51 2.91 11.87
CA MET B 65 -22.22 3.91 12.89
C MET B 65 -21.09 3.49 13.81
N ARG B 66 -20.78 2.20 13.87
CA ARG B 66 -19.68 1.73 14.72
C ARG B 66 -18.34 2.26 14.23
N LYS B 67 -18.16 2.34 12.91
CA LYS B 67 -16.90 2.85 12.37
C LYS B 67 -16.70 4.33 12.68
N HIS B 68 -17.79 5.08 12.87
CA HIS B 68 -17.66 6.47 13.29
C HIS B 68 -17.29 6.58 14.75
N THR B 69 -17.90 5.74 15.60
CA THR B 69 -17.55 5.73 17.02
C THR B 69 -16.19 5.10 17.26
N GLY B 70 -15.94 3.93 16.68
CA GLY B 70 -14.61 3.35 16.67
C GLY B 70 -13.83 3.94 15.52
N GLU B 71 -13.61 5.25 15.57
CA GLU B 71 -13.16 5.98 14.40
C GLU B 71 -11.72 5.64 14.04
N LYS B 72 -11.39 5.81 12.77
CA LYS B 72 -10.01 5.80 12.29
C LYS B 72 -9.58 7.23 12.10
N PRO B 73 -9.01 7.87 13.13
CA PRO B 73 -8.82 9.33 13.08
C PRO B 73 -7.91 9.80 11.96
N TYR B 74 -6.94 8.99 11.54
CA TYR B 74 -6.00 9.40 10.51
C TYR B 74 -6.63 9.14 9.14
N LEU B 75 -7.04 10.22 8.46
CA LEU B 75 -7.69 10.13 7.17
C LEU B 75 -6.77 10.72 6.10
N CYS B 76 -6.75 10.07 4.93
CA CYS B 76 -5.94 10.57 3.82
C CYS B 76 -6.58 11.81 3.21
N GLN B 77 -5.79 12.87 3.08
CA GLN B 77 -6.28 14.10 2.47
C GLN B 77 -6.42 13.98 0.96
N GLN B 78 -5.76 13.00 0.34
CA GLN B 78 -5.81 12.89 -1.12
C GLN B 78 -7.08 12.17 -1.59
N CYS B 79 -7.26 10.92 -1.18
CA CYS B 79 -8.40 10.11 -1.63
C CYS B 79 -9.48 9.93 -0.58
N GLY B 80 -9.20 10.28 0.68
CA GLY B 80 -10.20 10.24 1.72
C GLY B 80 -10.17 9.02 2.60
N ALA B 81 -9.39 7.99 2.26
CA ALA B 81 -9.34 6.78 3.06
C ALA B 81 -8.78 7.08 4.45
N ALA B 82 -9.30 6.38 5.44
CA ALA B 82 -8.91 6.57 6.84
C ALA B 82 -8.30 5.30 7.40
N PHE B 83 -7.35 5.47 8.32
CA PHE B 83 -6.65 4.36 8.92
C PHE B 83 -6.54 4.57 10.43
N ALA B 84 -6.57 3.45 11.16
CA ALA B 84 -6.48 3.52 12.62
C ALA B 84 -5.13 4.09 13.07
N HIS B 85 -4.05 3.65 12.44
CA HIS B 85 -2.71 4.06 12.82
C HIS B 85 -2.17 5.06 11.81
N ASN B 86 -1.48 6.10 12.32
CA ASN B 86 -0.81 7.04 11.44
C ASN B 86 0.29 6.36 10.62
N TYR B 87 0.81 5.22 11.10
CA TYR B 87 1.75 4.45 10.30
C TYR B 87 1.09 3.91 9.03
N ASP B 88 -0.15 3.44 9.14
CA ASP B 88 -0.85 2.93 7.98
C ASP B 88 -1.24 4.03 7.00
N LEU B 89 -1.25 5.29 7.45
CA LEU B 89 -1.44 6.40 6.52
C LEU B 89 -0.18 6.64 5.68
N LYS B 90 1.00 6.36 6.26
CA LYS B 90 2.23 6.43 5.49
C LYS B 90 2.20 5.45 4.32
N ASN B 91 1.85 4.19 4.59
CA ASN B 91 1.79 3.19 3.54
C ASN B 91 0.68 3.46 2.53
N HIS B 92 -0.32 4.24 2.91
CA HIS B 92 -1.36 4.61 1.95
C HIS B 92 -0.84 5.61 0.92
N MET B 93 0.03 6.53 1.35
CA MET B 93 0.59 7.52 0.43
C MET B 93 1.39 6.85 -0.67
N ARG B 94 1.86 5.62 -0.44
CA ARG B 94 2.51 4.84 -1.48
C ARG B 94 1.61 4.65 -2.70
N VAL B 95 0.29 4.63 -2.48
CA VAL B 95 -0.64 4.47 -3.60
C VAL B 95 -0.66 5.73 -4.46
N HIS B 96 -0.70 6.90 -3.84
CA HIS B 96 -0.80 8.17 -4.56
C HIS B 96 0.55 8.77 -4.92
N THR B 97 1.66 8.14 -4.52
CA THR B 97 2.97 8.75 -4.71
C THR B 97 3.42 8.71 -6.16
N GLY B 98 2.81 7.88 -7.01
CA GLY B 98 3.27 7.75 -8.38
C GLY B 98 3.19 9.05 -9.16
N LEU B 99 2.07 9.77 -9.02
CA LEU B 99 1.94 11.04 -9.72
C LEU B 99 2.84 12.11 -9.13
N ARG B 100 2.96 12.16 -7.80
CA ARG B 100 3.73 13.19 -7.10
C ARG B 100 4.62 12.51 -6.07
N PRO B 101 5.83 12.11 -6.47
CA PRO B 101 6.68 11.29 -5.60
C PRO B 101 7.43 12.05 -4.52
N TYR B 102 7.33 13.38 -4.46
CA TYR B 102 7.91 14.12 -3.34
C TYR B 102 6.99 13.97 -2.13
N GLN B 103 7.49 13.34 -1.07
CA GLN B 103 6.66 12.93 0.04
C GLN B 103 7.35 13.17 1.36
N CYS B 104 6.59 13.68 2.33
CA CYS B 104 7.06 13.90 3.69
C CYS B 104 6.36 12.92 4.62
N ASP B 105 7.16 12.13 5.36
CA ASP B 105 6.60 11.13 6.27
C ASP B 105 6.08 11.75 7.57
N SER B 106 6.65 12.87 7.99
CA SER B 106 6.26 13.48 9.27
C SER B 106 4.80 13.91 9.27
N CYS B 107 4.36 14.56 8.18
CA CYS B 107 3.01 15.10 8.11
C CYS B 107 2.12 14.36 7.12
N CYS B 108 2.63 13.33 6.44
CA CYS B 108 1.85 12.48 5.54
C CYS B 108 1.20 13.32 4.42
N LYS B 109 2.06 13.89 3.58
CA LYS B 109 1.62 14.69 2.45
C LYS B 109 2.55 14.47 1.27
N THR B 110 2.01 14.71 0.07
CA THR B 110 2.74 14.55 -1.17
C THR B 110 2.81 15.88 -1.91
N PHE B 111 3.92 16.10 -2.63
CA PHE B 111 4.17 17.33 -3.34
C PHE B 111 4.71 17.01 -4.73
N VAL B 112 4.83 18.05 -5.56
CA VAL B 112 5.24 17.86 -6.95
C VAL B 112 6.75 17.63 -7.05
N ARG B 113 7.53 18.63 -6.63
CA ARG B 113 8.98 18.57 -6.81
C ARG B 113 9.69 18.88 -5.50
N SER B 114 11.02 18.74 -5.53
CA SER B 114 11.83 18.86 -4.32
C SER B 114 11.70 20.23 -3.67
N ASP B 115 11.46 21.29 -4.46
CA ASP B 115 11.32 22.61 -3.88
C ASP B 115 10.11 22.69 -2.95
N HIS B 116 8.99 22.08 -3.36
CA HIS B 116 7.78 22.13 -2.54
C HIS B 116 7.96 21.41 -1.22
N LEU B 117 8.53 20.21 -1.26
CA LEU B 117 8.74 19.45 -0.02
C LEU B 117 9.73 20.15 0.90
N HIS B 118 10.78 20.75 0.33
CA HIS B 118 11.73 21.48 1.18
C HIS B 118 11.09 22.71 1.79
N ARG B 119 10.17 23.36 1.07
CA ARG B 119 9.47 24.51 1.64
C ARG B 119 8.55 24.09 2.78
N HIS B 120 7.88 22.95 2.63
CA HIS B 120 7.01 22.46 3.69
C HIS B 120 7.80 22.13 4.95
N LEU B 121 8.96 21.50 4.78
CA LEU B 121 9.76 21.12 5.95
C LEU B 121 10.31 22.34 6.68
N LYS B 122 10.60 23.43 5.96
CA LYS B 122 11.04 24.65 6.63
C LYS B 122 9.90 25.29 7.41
N LYS B 123 8.69 25.32 6.83
CA LYS B 123 7.51 25.87 7.47
C LYS B 123 6.75 24.76 8.19
N ASP B 124 5.50 25.02 8.56
CA ASP B 124 4.56 24.02 9.05
C ASP B 124 4.93 23.48 10.42
N GLY B 125 4.22 22.44 10.87
CA GLY B 125 4.49 21.75 12.10
C GLY B 125 5.54 20.66 11.99
N CYS B 126 6.17 20.52 10.82
CA CYS B 126 7.21 19.54 10.61
C CYS B 126 8.61 20.12 10.79
N ASN B 127 8.73 21.43 11.02
CA ASN B 127 10.03 22.08 11.19
C ASN B 127 10.66 21.77 12.55
N LYS C 15 32.72 9.81 8.13
CA LYS C 15 32.38 8.80 7.13
C LYS C 15 31.69 9.44 5.93
N ALA C 16 30.63 8.81 5.45
CA ALA C 16 29.87 9.32 4.31
C ALA C 16 28.38 9.21 4.61
N PHE C 17 27.60 10.11 3.99
CA PHE C 17 26.17 10.18 4.19
C PHE C 17 25.48 10.38 2.85
N GLN C 18 24.18 10.06 2.82
CA GLN C 18 23.35 10.21 1.65
C GLN C 18 22.07 10.94 2.03
N LYS C 19 21.47 11.59 1.04
CA LYS C 19 20.20 12.29 1.21
C LYS C 19 19.10 11.56 0.48
N CYS C 20 17.92 11.51 1.10
CA CYS C 20 16.78 10.85 0.47
C CYS C 20 16.21 11.72 -0.63
N PRO C 21 16.04 11.20 -1.84
CA PRO C 21 15.41 12.01 -2.91
C PRO C 21 13.97 12.37 -2.60
N ILE C 22 13.32 11.63 -1.71
CA ILE C 22 11.90 11.81 -1.43
C ILE C 22 11.68 12.52 -0.10
N CYS C 23 12.39 12.10 0.95
CA CYS C 23 12.14 12.57 2.30
C CYS C 23 13.21 13.51 2.84
N GLU C 24 14.32 13.71 2.13
CA GLU C 24 15.41 14.58 2.56
C GLU C 24 16.05 14.11 3.86
N LYS C 25 15.80 12.85 4.23
CA LYS C 25 16.34 12.28 5.45
C LYS C 25 17.80 11.87 5.25
N VAL C 26 18.62 12.14 6.27
CA VAL C 26 20.04 11.80 6.21
C VAL C 26 20.18 10.30 6.45
N ILE C 27 20.82 9.62 5.52
CA ILE C 27 21.02 8.17 5.60
C ILE C 27 22.51 7.88 5.68
N GLN C 28 22.91 7.13 6.70
CA GLN C 28 24.31 6.73 6.87
C GLN C 28 24.48 5.35 6.25
N GLY C 29 25.06 5.30 5.06
CA GLY C 29 25.29 4.04 4.38
C GLY C 29 25.91 4.20 3.00
N ALA C 30 26.91 3.38 2.70
CA ALA C 30 27.53 3.44 1.38
C ALA C 30 26.59 2.90 0.31
N GLY C 31 26.10 1.68 0.50
CA GLY C 31 25.14 1.10 -0.42
C GLY C 31 23.81 0.82 0.27
N LYS C 32 23.57 1.53 1.38
CA LYS C 32 22.38 1.34 2.20
C LYS C 32 21.23 2.24 1.82
N LEU C 33 21.40 3.11 0.82
CA LEU C 33 20.29 3.95 0.38
C LEU C 33 19.11 3.16 -0.18
N PRO C 34 19.28 2.11 -0.99
CA PRO C 34 18.10 1.41 -1.52
C PRO C 34 17.16 0.84 -0.48
N ARG C 35 17.65 0.47 0.71
CA ARG C 35 16.73 0.00 1.74
C ARG C 35 15.77 1.09 2.16
N HIS C 36 16.26 2.33 2.28
CA HIS C 36 15.37 3.45 2.53
C HIS C 36 14.49 3.74 1.32
N ILE C 37 14.98 3.43 0.11
CA ILE C 37 14.17 3.62 -1.08
C ILE C 37 12.97 2.67 -1.05
N ARG C 38 13.18 1.45 -0.57
CA ARG C 38 12.11 0.46 -0.46
C ARG C 38 11.20 0.70 0.74
N THR C 39 11.32 1.86 1.39
CA THR C 39 10.40 2.26 2.45
C THR C 39 9.25 3.10 1.91
N HIS C 40 9.53 3.97 0.94
CA HIS C 40 8.48 4.80 0.36
C HIS C 40 7.69 4.02 -0.70
N THR C 41 8.39 3.36 -1.62
CA THR C 41 7.74 2.58 -2.66
C THR C 41 7.38 1.17 -2.22
N GLY C 42 7.96 0.69 -1.12
CA GLY C 42 7.63 -0.62 -0.60
C GLY C 42 7.94 -1.78 -1.53
N GLU C 43 9.07 -1.70 -2.25
CA GLU C 43 9.47 -2.77 -3.14
C GLU C 43 10.12 -3.91 -2.37
N LYS C 44 9.77 -5.15 -2.72
CA LYS C 44 10.29 -6.36 -2.08
C LYS C 44 10.96 -7.23 -3.13
N PRO C 45 12.27 -7.06 -3.36
CA PRO C 45 12.95 -7.89 -4.36
C PRO C 45 13.38 -9.25 -3.85
N TYR C 46 13.46 -9.45 -2.55
CA TYR C 46 13.88 -10.72 -1.96
C TYR C 46 12.65 -11.56 -1.64
N GLU C 47 12.68 -12.82 -2.03
CA GLU C 47 11.55 -13.73 -1.85
C GLU C 47 12.01 -15.02 -1.19
N CYS C 48 11.20 -15.52 -0.26
CA CYS C 48 11.49 -16.80 0.36
C CYS C 48 11.23 -17.94 -0.62
N ASN C 49 12.06 -18.97 -0.54
CA ASN C 49 11.91 -20.12 -1.43
C ASN C 49 10.75 -21.01 -1.02
N ILE C 50 10.43 -21.07 0.27
CA ILE C 50 9.45 -22.01 0.78
C ILE C 50 8.08 -21.33 0.90
N CYS C 51 7.99 -20.30 1.72
CA CYS C 51 6.72 -19.65 2.00
C CYS C 51 6.41 -18.48 1.07
N LYS C 52 7.34 -18.13 0.18
CA LYS C 52 7.17 -17.05 -0.80
C LYS C 52 6.88 -15.70 -0.14
N VAL C 53 7.26 -15.55 1.12
CA VAL C 53 7.16 -14.27 1.80
C VAL C 53 8.29 -13.37 1.32
N ARG C 54 7.97 -12.12 1.02
CA ARG C 54 8.94 -11.19 0.45
C ARG C 54 9.37 -10.16 1.48
N PHE C 55 10.63 -9.76 1.38
CA PHE C 55 11.22 -8.80 2.31
C PHE C 55 12.02 -7.75 1.54
N THR C 56 12.19 -6.60 2.17
CA THR C 56 12.91 -5.49 1.56
C THR C 56 14.40 -5.48 1.90
N ARG C 57 14.86 -6.38 2.76
CA ARG C 57 16.26 -6.44 3.16
C ARG C 57 16.74 -7.89 3.14
N GLN C 58 18.00 -8.07 2.74
CA GLN C 58 18.54 -9.43 2.61
C GLN C 58 18.65 -10.12 3.95
N ASP C 59 19.10 -9.40 4.99
CA ASP C 59 19.26 -10.02 6.30
C ASP C 59 17.92 -10.46 6.88
N LYS C 60 16.85 -9.71 6.61
CA LYS C 60 15.53 -10.11 7.07
C LYS C 60 15.09 -11.42 6.43
N LEU C 61 15.40 -11.61 5.15
CA LEU C 61 15.12 -12.88 4.50
C LEU C 61 15.96 -14.01 5.10
N LYS C 62 17.23 -13.72 5.40
CA LYS C 62 18.09 -14.76 5.97
C LYS C 62 17.62 -15.19 7.35
N VAL C 63 17.20 -14.25 8.18
CA VAL C 63 16.71 -14.61 9.51
C VAL C 63 15.37 -15.33 9.40
N HIS C 64 14.59 -15.03 8.36
CA HIS C 64 13.36 -15.80 8.13
C HIS C 64 13.69 -17.23 7.71
N MET C 65 14.72 -17.42 6.88
CA MET C 65 15.14 -18.76 6.53
C MET C 65 15.67 -19.51 7.75
N ARG C 66 16.29 -18.79 8.68
CA ARG C 66 16.79 -19.42 9.89
C ARG C 66 15.65 -19.92 10.77
N LYS C 67 14.49 -19.27 10.69
CA LYS C 67 13.32 -19.75 11.44
C LYS C 67 12.86 -21.11 10.93
N HIS C 68 12.86 -21.31 9.61
CA HIS C 68 12.41 -22.56 9.04
C HIS C 68 13.36 -23.71 9.40
N THR C 69 14.66 -23.49 9.23
CA THR C 69 15.68 -24.50 9.51
C THR C 69 16.48 -24.04 10.72
N GLY C 70 16.29 -24.72 11.85
CA GLY C 70 16.98 -24.36 13.07
C GLY C 70 18.44 -24.79 13.08
ZN ZN J . 25.88 -17.18 -13.88
ZN ZN K . 15.59 8.52 -12.32
ZN ZN L . -21.69 7.23 8.46
ZN ZN M . -40.59 -11.77 -0.61
ZN ZN N . -5.02 8.91 -0.65
ZN ZN O . 5.69 17.37 6.73
ZN ZN P . 10.02 -18.79 4.48
ZN ZN Q . 12.86 9.31 2.52
#